data_6FS1
#
_entry.id   6FS1
#
_cell.length_a   42.680
_cell.length_b   64.519
_cell.length_c   59.975
_cell.angle_alpha   90.00
_cell.angle_beta   98.82
_cell.angle_gamma   90.00
#
_symmetry.space_group_name_H-M   'P 1 21 1'
#
loop_
_entity.id
_entity.type
_entity.pdbx_description
1 polymer 'Induced myeloid leukemia cell differentiation protein Mcl-1'
2 non-polymer '7-[3-[(1,5-dimethylpyrazol-3-yl)methylsulfanylmethyl]-1,5-dimethyl-pyrazol-4-yl]-3-(3-naphthalen-1-yloxypropyl)-1~{H}-indole-2-carboxylic acid'
3 non-polymer 1,2-ETHANEDIOL
4 water water
#
_entity_poly.entity_id   1
_entity_poly.type   'polypeptide(L)'
_entity_poly.pdbx_seq_one_letter_code
;DDLYRQSLEIISRYLREQATGSKDSKPLGEAGAAGRRALETLRRVGDGVQRNHETAFQGMLRKLDIKNEDDVKSLSRVMI
HVFSDGVTNWGRIVTLISFGAFVAKHLKTINQESCIEPLAESITDVLVRTKRDWLVKQRGWDGFVEFFHV
;
_entity_poly.pdbx_strand_id   A,B
#
# COMPACT_ATOMS: atom_id res chain seq x y z
N ASP A 1 12.15 4.58 10.55
CA ASP A 1 11.97 3.45 11.47
C ASP A 1 11.32 3.89 12.78
N ASP A 2 11.95 4.85 13.46
CA ASP A 2 11.39 5.45 14.68
C ASP A 2 10.05 6.11 14.36
N LEU A 3 9.95 6.77 13.19
CA LEU A 3 8.69 7.40 12.79
C LEU A 3 7.61 6.37 12.59
N TYR A 4 7.96 5.23 11.94
CA TYR A 4 6.99 4.17 11.74
C TYR A 4 6.39 3.71 13.09
N ARG A 5 7.26 3.36 14.04
CA ARG A 5 6.82 2.83 15.35
C ARG A 5 6.01 3.85 16.12
N GLN A 6 6.41 5.12 16.08
CA GLN A 6 5.68 6.20 16.74
C GLN A 6 4.26 6.32 16.11
N SER A 7 4.20 6.34 14.77
CA SER A 7 2.93 6.43 14.03
C SER A 7 2.04 5.23 14.34
N LEU A 8 2.62 4.02 14.34
CA LEU A 8 1.88 2.80 14.63
C LEU A 8 1.27 2.87 16.02
N GLU A 9 2.02 3.37 17.00
CA GLU A 9 1.50 3.46 18.37
C GLU A 9 0.33 4.45 18.45
N ILE A 10 0.49 5.63 17.86
CA ILE A 10 -0.57 6.65 17.91
C ILE A 10 -1.85 6.13 17.25
N ILE A 11 -1.72 5.52 16.07
CA ILE A 11 -2.84 5.00 15.29
C ILE A 11 -3.48 3.82 16.01
N SER A 12 -2.65 2.86 16.51
CA SER A 12 -3.15 1.69 17.25
CA SER A 12 -3.16 1.69 17.25
C SER A 12 -3.92 2.10 18.49
N ARG A 13 -3.35 3.01 19.30
CA ARG A 13 -4.00 3.47 20.52
C ARG A 13 -5.32 4.19 20.23
N TYR A 14 -5.37 5.07 19.21
CA TYR A 14 -6.58 5.79 18.86
C TYR A 14 -7.67 4.83 18.39
N LEU A 15 -7.33 3.86 17.52
CA LEU A 15 -8.32 2.89 17.04
C LEU A 15 -8.85 2.03 18.18
N ARG A 16 -7.97 1.58 19.05
CA ARG A 16 -8.32 0.75 20.19
C ARG A 16 -9.21 1.49 21.19
N GLU A 17 -8.87 2.75 21.54
CA GLU A 17 -9.71 3.49 22.47
C GLU A 17 -11.06 3.88 21.84
N GLN A 18 -11.09 4.19 20.53
CA GLN A 18 -12.34 4.49 19.84
C GLN A 18 -13.29 3.28 19.83
N ALA A 19 -12.73 2.07 19.64
CA ALA A 19 -13.50 0.84 19.57
C ALA A 19 -14.06 0.43 20.94
N THR A 20 -13.30 0.72 22.02
CA THR A 20 -13.70 0.36 23.40
C THR A 20 -14.47 1.49 24.12
N GLY A 21 -14.63 2.63 23.44
CA GLY A 21 -15.35 3.79 23.98
C GLY A 21 -14.58 4.59 25.00
N SER A 22 -13.25 4.43 24.98
CA SER A 22 -12.31 5.10 25.87
C SER A 22 -11.88 6.46 25.32
N LYS A 23 -11.50 7.35 26.24
CA LYS A 23 -11.04 8.71 25.95
C LYS A 23 -9.54 8.84 26.22
N ASP A 24 -8.90 7.75 26.71
CA ASP A 24 -7.47 7.69 27.02
C ASP A 24 -6.96 6.24 26.99
N SER A 25 -5.63 6.09 26.96
CA SER A 25 -4.91 4.81 26.94
C SER A 25 -3.51 5.03 27.53
N LYS A 26 -2.88 3.96 28.02
CA LYS A 26 -1.53 4.08 28.60
C LYS A 26 -0.46 4.19 27.49
N PRO A 27 0.66 4.95 27.67
CA PRO A 27 1.69 4.99 26.62
C PRO A 27 2.38 3.64 26.50
N LEU A 28 2.71 3.23 25.27
CA LEU A 28 3.34 1.92 25.02
C LEU A 28 4.84 1.99 24.76
N GLY A 29 5.44 3.18 24.92
CA GLY A 29 6.89 3.40 24.85
C GLY A 29 7.53 3.78 23.53
N GLU A 30 6.78 3.74 22.41
CA GLU A 30 7.35 4.06 21.11
C GLU A 30 6.93 5.43 20.57
N ALA A 31 5.96 6.10 21.23
CA ALA A 31 5.41 7.36 20.71
C ALA A 31 6.19 8.61 21.16
N GLY A 32 7.05 8.44 22.15
CA GLY A 32 7.92 9.48 22.68
C GLY A 32 7.22 10.73 23.14
N ALA A 33 7.98 11.86 23.16
CA ALA A 33 7.54 13.19 23.60
C ALA A 33 6.28 13.69 22.88
N ALA A 34 6.28 13.63 21.55
CA ALA A 34 5.20 14.10 20.68
C ALA A 34 3.93 13.28 20.75
N GLY A 35 4.05 12.01 21.16
CA GLY A 35 2.98 11.02 21.24
C GLY A 35 1.73 11.44 21.98
N ARG A 36 1.89 11.92 23.23
CA ARG A 36 0.80 12.38 24.10
C ARG A 36 0.01 13.51 23.43
N ARG A 37 0.71 14.59 23.02
CA ARG A 37 0.04 15.71 22.35
C ARG A 37 -0.56 15.33 21.01
N ALA A 38 0.07 14.40 20.25
CA ALA A 38 -0.47 13.93 18.97
C ALA A 38 -1.76 13.20 19.18
N LEU A 39 -1.81 12.27 20.15
CA LEU A 39 -3.05 11.52 20.44
C LEU A 39 -4.14 12.47 20.97
N GLU A 40 -3.76 13.45 21.79
CA GLU A 40 -4.72 14.44 22.30
C GLU A 40 -5.32 15.24 21.14
N THR A 41 -4.48 15.64 20.16
CA THR A 41 -4.94 16.38 18.98
C THR A 41 -5.83 15.49 18.10
N LEU A 42 -5.38 14.25 17.86
CA LEU A 42 -6.08 13.28 17.05
C LEU A 42 -7.45 12.97 17.65
N ARG A 43 -7.55 12.87 18.98
CA ARG A 43 -8.85 12.67 19.62
C ARG A 43 -9.78 13.82 19.30
N ARG A 44 -9.30 15.07 19.41
CA ARG A 44 -10.13 16.24 19.13
C ARG A 44 -10.57 16.33 17.65
N VAL A 45 -9.60 16.35 16.74
CA VAL A 45 -9.83 16.51 15.30
C VAL A 45 -10.50 15.27 14.68
N GLY A 46 -10.00 14.09 15.04
CA GLY A 46 -10.49 12.79 14.60
C GLY A 46 -11.94 12.52 14.99
N ASP A 47 -12.29 12.80 16.27
CA ASP A 47 -13.68 12.65 16.73
C ASP A 47 -14.59 13.57 15.93
N GLY A 48 -14.13 14.79 15.65
CA GLY A 48 -14.87 15.78 14.88
C GLY A 48 -15.08 15.32 13.44
N VAL A 49 -14.04 14.77 12.80
CA VAL A 49 -14.12 14.27 11.41
C VAL A 49 -15.17 13.16 11.30
N GLN A 50 -15.17 12.20 12.26
CA GLN A 50 -16.14 11.11 12.26
C GLN A 50 -17.56 11.64 12.44
N ARG A 51 -17.74 12.70 13.25
CA ARG A 51 -19.04 13.29 13.51
C ARG A 51 -19.51 14.03 12.26
N ASN A 52 -18.65 14.90 11.71
CA ASN A 52 -19.00 15.77 10.58
C ASN A 52 -19.18 15.02 9.25
N HIS A 53 -18.56 13.84 9.12
CA HIS A 53 -18.64 13.04 7.90
C HIS A 53 -19.35 11.71 8.15
N GLU A 54 -20.24 11.65 9.16
CA GLU A 54 -20.92 10.40 9.55
C GLU A 54 -21.72 9.73 8.42
N THR A 55 -22.46 10.49 7.59
CA THR A 55 -23.25 9.86 6.51
C THR A 55 -22.33 9.26 5.46
N ALA A 56 -21.27 9.98 5.07
CA ALA A 56 -20.31 9.47 4.08
C ALA A 56 -19.58 8.27 4.64
N PHE A 57 -19.16 8.33 5.92
CA PHE A 57 -18.46 7.21 6.57
C PHE A 57 -19.35 5.98 6.67
N GLN A 58 -20.62 6.15 7.06
CA GLN A 58 -21.56 5.02 7.13
C GLN A 58 -21.78 4.39 5.72
N GLY A 59 -21.91 5.24 4.70
CA GLY A 59 -22.10 4.80 3.32
C GLY A 59 -20.96 3.97 2.79
N MET A 60 -19.74 4.47 3.01
CA MET A 60 -18.52 3.79 2.58
C MET A 60 -18.27 2.51 3.35
N LEU A 61 -18.48 2.54 4.69
CA LEU A 61 -18.35 1.34 5.50
C LEU A 61 -19.28 0.23 4.99
N ARG A 62 -20.55 0.58 4.70
CA ARG A 62 -21.54 -0.37 4.16
C ARG A 62 -21.07 -0.98 2.82
N LYS A 63 -20.57 -0.13 1.91
CA LYS A 63 -20.06 -0.53 0.59
C LYS A 63 -18.87 -1.48 0.72
N LEU A 64 -18.01 -1.23 1.71
CA LEU A 64 -16.82 -2.06 1.95
C LEU A 64 -17.17 -3.44 2.53
N ASP A 65 -18.35 -3.56 3.17
CA ASP A 65 -18.88 -4.83 3.72
C ASP A 65 -17.81 -5.64 4.46
N ILE A 66 -17.34 -5.09 5.58
CA ILE A 66 -16.29 -5.67 6.39
C ILE A 66 -16.89 -6.60 7.46
N LYS A 67 -16.66 -7.90 7.30
CA LYS A 67 -17.20 -8.95 8.18
C LYS A 67 -16.15 -9.74 8.98
N ASN A 68 -14.88 -9.70 8.55
CA ASN A 68 -13.83 -10.53 9.16
C ASN A 68 -12.43 -10.09 8.73
N GLU A 69 -11.40 -10.86 9.15
CA GLU A 69 -9.99 -10.57 8.87
C GLU A 69 -9.63 -10.55 7.37
N ASP A 70 -10.22 -11.46 6.59
CA ASP A 70 -10.00 -11.51 5.14
C ASP A 70 -10.50 -10.22 4.47
N ASP A 71 -11.66 -9.71 4.92
CA ASP A 71 -12.20 -8.46 4.41
C ASP A 71 -11.27 -7.30 4.84
N VAL A 72 -10.78 -7.33 6.09
CA VAL A 72 -9.87 -6.28 6.55
C VAL A 72 -8.61 -6.28 5.69
N LYS A 73 -8.05 -7.47 5.39
CA LYS A 73 -6.86 -7.54 4.54
C LYS A 73 -7.08 -6.90 3.16
N SER A 74 -8.25 -7.15 2.55
CA SER A 74 -8.57 -6.61 1.23
C SER A 74 -8.62 -5.07 1.14
N LEU A 75 -8.81 -4.38 2.27
CA LEU A 75 -8.93 -2.91 2.31
C LEU A 75 -7.68 -2.19 1.88
N SER A 76 -6.49 -2.81 2.03
CA SER A 76 -5.24 -2.09 1.71
C SER A 76 -5.19 -1.62 0.26
N ARG A 77 -5.71 -2.41 -0.68
CA ARG A 77 -5.66 -2.03 -2.09
C ARG A 77 -6.37 -0.70 -2.33
N VAL A 78 -7.64 -0.60 -1.88
CA VAL A 78 -8.39 0.64 -2.09
C VAL A 78 -7.83 1.77 -1.21
N MET A 79 -7.36 1.44 0.01
CA MET A 79 -6.78 2.39 0.93
C MET A 79 -5.59 3.11 0.26
N ILE A 80 -4.62 2.35 -0.33
CA ILE A 80 -3.49 3.02 -0.97
CA ILE A 80 -3.48 2.99 -0.98
C ILE A 80 -3.93 3.78 -2.20
N HIS A 81 -4.85 3.21 -2.98
CA HIS A 81 -5.31 3.89 -4.20
C HIS A 81 -5.99 5.23 -3.96
N VAL A 82 -6.93 5.29 -3.02
CA VAL A 82 -7.64 6.53 -2.71
C VAL A 82 -6.70 7.53 -2.04
N PHE A 83 -5.95 7.08 -1.02
CA PHE A 83 -5.06 7.97 -0.26
C PHE A 83 -3.96 8.60 -1.11
N SER A 84 -3.51 7.88 -2.18
CA SER A 84 -2.48 8.35 -3.12
C SER A 84 -3.03 9.22 -4.26
N ASP A 85 -4.35 9.26 -4.40
CA ASP A 85 -4.98 10.05 -5.45
C ASP A 85 -5.12 11.50 -4.97
N GLY A 86 -4.31 12.38 -5.53
CA GLY A 86 -4.39 13.80 -5.22
C GLY A 86 -3.42 14.32 -4.18
N VAL A 87 -3.74 15.49 -3.66
CA VAL A 87 -2.94 16.29 -2.71
C VAL A 87 -2.64 15.56 -1.40
N THR A 88 -1.52 15.98 -0.78
CA THR A 88 -1.08 15.51 0.52
C THR A 88 -1.30 16.65 1.50
N ASN A 89 -1.97 16.37 2.63
CA ASN A 89 -2.16 17.36 3.70
C ASN A 89 -2.58 16.70 5.01
N TRP A 90 -2.47 17.43 6.12
CA TRP A 90 -2.87 16.89 7.42
C TRP A 90 -4.35 16.53 7.49
N GLY A 91 -5.22 17.30 6.82
CA GLY A 91 -6.66 17.00 6.76
C GLY A 91 -6.94 15.60 6.22
N ARG A 92 -6.28 15.23 5.11
CA ARG A 92 -6.44 13.88 4.52
C ARG A 92 -5.89 12.76 5.43
N ILE A 93 -4.78 13.05 6.13
CA ILE A 93 -4.17 12.13 7.08
C ILE A 93 -5.15 11.88 8.23
N VAL A 94 -5.84 12.95 8.71
CA VAL A 94 -6.82 12.78 9.77
C VAL A 94 -8.00 11.95 9.24
N THR A 95 -8.44 12.20 7.98
CA THR A 95 -9.56 11.43 7.40
C THR A 95 -9.21 9.95 7.35
N LEU A 96 -7.96 9.63 6.93
CA LEU A 96 -7.47 8.25 6.86
C LEU A 96 -7.56 7.53 8.22
N ILE A 97 -7.03 8.17 9.27
CA ILE A 97 -7.00 7.63 10.61
C ILE A 97 -8.41 7.59 11.23
N SER A 98 -9.22 8.65 11.01
CA SER A 98 -10.59 8.74 11.52
C SER A 98 -11.48 7.67 10.93
N PHE A 99 -11.34 7.39 9.63
CA PHE A 99 -12.10 6.30 9.02
C PHE A 99 -11.65 4.96 9.61
N GLY A 100 -10.36 4.85 9.95
CA GLY A 100 -9.82 3.68 10.62
C GLY A 100 -10.51 3.46 11.96
N ALA A 101 -10.68 4.54 12.75
CA ALA A 101 -11.39 4.49 14.04
C ALA A 101 -12.85 4.12 13.81
N PHE A 102 -13.48 4.65 12.75
CA PHE A 102 -14.89 4.35 12.42
C PHE A 102 -15.04 2.85 12.08
N VAL A 103 -14.05 2.28 11.34
CA VAL A 103 -14.03 0.85 10.99
C VAL A 103 -13.77 0.02 12.24
N ALA A 104 -12.84 0.46 13.08
CA ALA A 104 -12.51 -0.24 14.33
C ALA A 104 -13.75 -0.37 15.23
N LYS A 105 -14.57 0.71 15.35
CA LYS A 105 -15.81 0.66 16.15
C LYS A 105 -16.74 -0.39 15.55
N HIS A 106 -16.83 -0.45 14.20
CA HIS A 106 -17.64 -1.46 13.51
C HIS A 106 -17.14 -2.88 13.86
N LEU A 107 -15.82 -3.10 13.79
CA LEU A 107 -15.21 -4.39 14.09
C LEU A 107 -15.55 -4.87 15.49
N LYS A 108 -15.54 -3.95 16.49
CA LYS A 108 -15.92 -4.30 17.86
C LYS A 108 -17.37 -4.79 17.90
N THR A 109 -18.30 -4.10 17.19
CA THR A 109 -19.73 -4.48 17.23
C THR A 109 -19.98 -5.90 16.73
N ILE A 110 -19.19 -6.36 15.73
CA ILE A 110 -19.32 -7.70 15.13
C ILE A 110 -18.35 -8.72 15.74
N ASN A 111 -17.88 -8.44 16.96
CA ASN A 111 -16.97 -9.31 17.72
C ASN A 111 -15.72 -9.70 16.91
N GLN A 112 -15.10 -8.69 16.27
CA GLN A 112 -13.87 -8.81 15.47
C GLN A 112 -12.78 -7.88 16.00
N GLU A 113 -12.69 -7.80 17.34
CA GLU A 113 -11.68 -6.98 18.02
C GLU A 113 -10.27 -7.42 17.58
N SER A 114 -10.08 -8.72 17.23
CA SER A 114 -8.80 -9.28 16.76
C SER A 114 -8.27 -8.64 15.45
N CYS A 115 -9.18 -7.98 14.70
CA CYS A 115 -8.88 -7.30 13.42
C CYS A 115 -8.41 -5.87 13.60
N ILE A 116 -8.56 -5.30 14.83
CA ILE A 116 -8.23 -3.89 15.06
C ILE A 116 -6.72 -3.63 14.94
N GLU A 117 -5.87 -4.41 15.64
CA GLU A 117 -4.41 -4.23 15.56
C GLU A 117 -3.92 -4.46 14.11
N PRO A 118 -4.38 -5.53 13.38
CA PRO A 118 -3.99 -5.65 11.95
C PRO A 118 -4.40 -4.42 11.12
N LEU A 119 -5.59 -3.86 11.37
CA LEU A 119 -6.06 -2.68 10.63
C LEU A 119 -5.16 -1.48 10.88
N ALA A 120 -4.75 -1.29 12.14
CA ALA A 120 -3.86 -0.18 12.50
C ALA A 120 -2.53 -0.31 11.76
N GLU A 121 -2.02 -1.55 11.62
CA GLU A 121 -0.78 -1.81 10.88
C GLU A 121 -0.98 -1.47 9.40
N SER A 122 -2.13 -1.88 8.83
CA SER A 122 -2.47 -1.58 7.43
C SER A 122 -2.40 -0.07 7.20
N ILE A 123 -3.06 0.71 8.06
CA ILE A 123 -3.12 2.17 7.94
C ILE A 123 -1.75 2.78 8.10
N THR A 124 -0.99 2.33 9.13
CA THR A 124 0.35 2.87 9.38
C THR A 124 1.27 2.60 8.17
N ASP A 125 1.18 1.39 7.59
CA ASP A 125 1.99 1.08 6.41
C ASP A 125 1.67 2.05 5.28
N VAL A 126 0.39 2.30 5.00
CA VAL A 126 0.01 3.20 3.91
C VAL A 126 0.49 4.61 4.19
N LEU A 127 0.22 5.10 5.40
CA LEU A 127 0.60 6.46 5.75
C LEU A 127 2.10 6.70 5.71
N VAL A 128 2.85 5.91 6.49
CA VAL A 128 4.29 6.14 6.61
C VAL A 128 5.04 5.81 5.34
N ARG A 129 4.72 4.68 4.73
CA ARG A 129 5.48 4.27 3.55
C ARG A 129 5.20 5.13 2.30
N THR A 130 4.01 5.72 2.18
CA THR A 130 3.73 6.58 1.01
C THR A 130 4.01 8.05 1.27
N LYS A 131 4.00 8.49 2.56
CA LYS A 131 4.19 9.91 2.88
C LYS A 131 5.44 10.24 3.70
N ARG A 132 6.38 9.28 3.86
CA ARG A 132 7.60 9.47 4.67
C ARG A 132 8.31 10.82 4.41
N ASP A 133 8.59 11.12 3.12
CA ASP A 133 9.30 12.37 2.77
C ASP A 133 8.54 13.62 3.20
N TRP A 134 7.21 13.63 2.97
CA TRP A 134 6.35 14.74 3.35
C TRP A 134 6.30 14.86 4.88
N LEU A 135 6.16 13.72 5.58
CA LEU A 135 6.12 13.70 7.05
C LEU A 135 7.42 14.26 7.63
N VAL A 136 8.57 13.86 7.07
CA VAL A 136 9.89 14.37 7.51
C VAL A 136 9.92 15.89 7.38
N LYS A 137 9.48 16.42 6.22
CA LYS A 137 9.46 17.86 5.95
C LYS A 137 8.54 18.65 6.90
N GLN A 138 7.52 17.99 7.47
CA GLN A 138 6.61 18.63 8.42
C GLN A 138 7.01 18.43 9.88
N ARG A 139 8.12 17.73 10.16
CA ARG A 139 8.58 17.32 11.51
C ARG A 139 7.58 16.35 12.14
N GLY A 140 7.02 15.49 11.31
CA GLY A 140 6.11 14.43 11.72
C GLY A 140 4.97 14.88 12.60
N TRP A 141 4.85 14.16 13.71
CA TRP A 141 3.78 14.36 14.68
C TRP A 141 3.88 15.69 15.41
N ASP A 142 5.07 16.33 15.50
CA ASP A 142 5.17 17.67 16.07
C ASP A 142 4.47 18.65 15.11
N GLY A 143 4.65 18.43 13.80
CA GLY A 143 4.03 19.19 12.73
C GLY A 143 2.53 19.08 12.84
N PHE A 144 2.02 17.84 13.04
CA PHE A 144 0.60 17.53 13.20
C PHE A 144 -0.01 18.34 14.36
N VAL A 145 0.61 18.28 15.55
CA VAL A 145 0.18 19.00 16.75
C VAL A 145 0.11 20.51 16.47
N GLU A 146 1.16 21.05 15.86
CA GLU A 146 1.25 22.49 15.55
C GLU A 146 0.21 22.96 14.53
N PHE A 147 -0.03 22.15 13.48
CA PHE A 147 -0.98 22.46 12.42
C PHE A 147 -2.41 22.66 12.95
N PHE A 148 -2.85 21.79 13.87
CA PHE A 148 -4.21 21.90 14.43
C PHE A 148 -4.26 22.82 15.64
N HIS A 149 -3.12 22.97 16.36
CA HIS A 149 -2.94 23.84 17.53
C HIS A 149 -4.21 23.92 18.40
N VAL A 150 -4.73 22.74 18.81
CA VAL A 150 -5.93 22.63 19.65
C VAL A 150 -5.66 23.23 21.05
N ASP B 1 3.25 11.64 -11.38
CA ASP B 1 2.17 11.42 -12.34
C ASP B 1 2.70 10.80 -13.63
N ASP B 2 3.66 11.47 -14.30
CA ASP B 2 4.28 10.92 -15.52
C ASP B 2 5.00 9.61 -15.19
N LEU B 3 5.71 9.57 -14.04
CA LEU B 3 6.42 8.37 -13.61
C LEU B 3 5.43 7.26 -13.32
N TYR B 4 4.30 7.60 -12.65
CA TYR B 4 3.29 6.61 -12.34
C TYR B 4 2.78 5.94 -13.64
N ARG B 5 2.36 6.74 -14.63
CA ARG B 5 1.80 6.22 -15.88
C ARG B 5 2.82 5.40 -16.65
N GLN B 6 4.08 5.85 -16.69
CA GLN B 6 5.14 5.11 -17.37
C GLN B 6 5.36 3.74 -16.68
N SER B 7 5.43 3.75 -15.33
CA SER B 7 5.61 2.53 -14.54
C SER B 7 4.45 1.58 -14.75
N LEU B 8 3.22 2.12 -14.71
CA LEU B 8 2.01 1.32 -14.89
C LEU B 8 2.04 0.63 -16.25
N GLU B 9 2.43 1.35 -17.31
CA GLU B 9 2.49 0.75 -18.63
C GLU B 9 3.51 -0.38 -18.71
N ILE B 10 4.73 -0.14 -18.20
CA ILE B 10 5.79 -1.17 -18.24
C ILE B 10 5.35 -2.44 -17.50
N ILE B 11 4.79 -2.25 -16.30
CA ILE B 11 4.37 -3.35 -15.43
C ILE B 11 3.18 -4.07 -16.03
N SER B 12 2.16 -3.31 -16.53
CA SER B 12 0.96 -3.89 -17.17
CA SER B 12 0.97 -3.90 -17.15
C SER B 12 1.34 -4.71 -18.38
N ARG B 13 2.17 -4.16 -19.26
CA ARG B 13 2.59 -4.86 -20.47
C ARG B 13 3.36 -6.14 -20.16
N TYR B 14 4.30 -6.09 -19.18
CA TYR B 14 5.08 -7.26 -18.82
C TYR B 14 4.18 -8.36 -18.24
N LEU B 15 3.25 -8.00 -17.32
CA LEU B 15 2.35 -9.00 -16.73
C LEU B 15 1.44 -9.62 -17.77
N ARG B 16 0.89 -8.79 -18.67
CA ARG B 16 0.02 -9.25 -19.76
C ARG B 16 0.79 -10.18 -20.71
N GLU B 17 2.03 -9.80 -21.15
CA GLU B 17 2.75 -10.69 -22.07
C GLU B 17 3.17 -11.99 -21.40
N GLN B 18 3.52 -11.94 -20.11
CA GLN B 18 3.89 -13.13 -19.36
C GLN B 18 2.72 -14.11 -19.23
N ALA B 19 1.52 -13.56 -18.99
CA ALA B 19 0.32 -14.39 -18.80
C ALA B 19 -0.14 -15.04 -20.10
N THR B 20 0.04 -14.34 -21.25
CA THR B 20 -0.38 -14.84 -22.57
C THR B 20 0.72 -15.63 -23.31
N GLY B 21 1.91 -15.70 -22.70
CA GLY B 21 3.06 -16.41 -23.25
C GLY B 21 3.78 -15.67 -24.36
N SER B 22 3.57 -14.36 -24.42
CA SER B 22 4.15 -13.46 -25.41
C SER B 22 5.51 -12.94 -24.96
N LYS B 23 6.33 -12.56 -25.95
CA LYS B 23 7.69 -12.04 -25.80
C LYS B 23 7.73 -10.55 -26.16
N ASP B 24 6.58 -10.00 -26.61
CA ASP B 24 6.44 -8.60 -27.00
C ASP B 24 4.97 -8.13 -26.91
N SER B 25 4.77 -6.82 -26.97
CA SER B 25 3.47 -6.14 -26.91
C SER B 25 3.60 -4.77 -27.59
N LYS B 26 2.49 -4.20 -28.04
CA LYS B 26 2.53 -2.88 -28.70
C LYS B 26 2.67 -1.73 -27.67
N PRO B 27 3.39 -0.62 -27.97
CA PRO B 27 3.48 0.48 -26.98
C PRO B 27 2.11 1.14 -26.81
N LEU B 28 1.77 1.53 -25.58
CA LEU B 28 0.46 2.14 -25.28
C LEU B 28 0.50 3.67 -25.13
N GLY B 29 1.65 4.29 -25.39
CA GLY B 29 1.84 5.74 -25.41
C GLY B 29 2.29 6.46 -24.15
N GLU B 30 2.33 5.76 -23.00
CA GLU B 30 2.70 6.42 -21.73
C GLU B 30 4.10 6.09 -21.24
N ALA B 31 4.78 5.12 -21.87
CA ALA B 31 6.09 4.66 -21.39
C ALA B 31 7.28 5.47 -21.94
N GLY B 32 7.01 6.25 -22.98
CA GLY B 32 7.99 7.14 -23.61
C GLY B 32 9.25 6.47 -24.11
N ALA B 33 10.32 7.28 -24.24
CA ALA B 33 11.65 6.87 -24.72
C ALA B 33 12.25 5.68 -23.96
N ALA B 34 12.27 5.76 -22.62
CA ALA B 34 12.83 4.75 -21.73
C ALA B 34 12.05 3.44 -21.68
N GLY B 35 10.76 3.51 -22.00
CA GLY B 35 9.82 2.39 -21.97
C GLY B 35 10.25 1.11 -22.68
N ARG B 36 10.62 1.23 -23.96
CA ARG B 36 11.08 0.11 -24.80
C ARG B 36 12.25 -0.61 -24.17
N ARG B 37 13.34 0.12 -23.84
CA ARG B 37 14.52 -0.46 -23.22
C ARG B 37 14.23 -1.02 -21.83
N ALA B 38 13.36 -0.35 -21.05
CA ALA B 38 12.99 -0.83 -19.71
C ALA B 38 12.23 -2.13 -19.80
N LEU B 39 11.28 -2.24 -20.74
CA LEU B 39 10.52 -3.48 -20.93
C LEU B 39 11.42 -4.62 -21.44
N GLU B 40 12.38 -4.30 -22.33
CA GLU B 40 13.36 -5.25 -22.86
C GLU B 40 14.26 -5.77 -21.72
N THR B 41 14.70 -4.87 -20.83
CA THR B 41 15.54 -5.24 -19.68
C THR B 41 14.72 -6.11 -18.69
N LEU B 42 13.48 -5.68 -18.41
CA LEU B 42 12.60 -6.38 -17.50
C LEU B 42 12.30 -7.79 -18.01
N ARG B 43 12.12 -7.97 -19.33
CA ARG B 43 11.93 -9.31 -19.90
C ARG B 43 13.15 -10.17 -19.60
N ARG B 44 14.36 -9.66 -19.81
CA ARG B 44 15.58 -10.43 -19.58
C ARG B 44 15.77 -10.79 -18.09
N VAL B 45 15.81 -9.77 -17.22
CA VAL B 45 16.07 -9.92 -15.78
C VAL B 45 14.90 -10.59 -15.06
N GLY B 46 13.68 -10.16 -15.37
CA GLY B 46 12.43 -10.68 -14.82
C GLY B 46 12.21 -12.16 -15.12
N ASP B 47 12.42 -12.55 -16.40
CA ASP B 47 12.30 -13.98 -16.77
C ASP B 47 13.32 -14.82 -15.99
N GLY B 48 14.54 -14.28 -15.82
CA GLY B 48 15.61 -14.92 -15.07
C GLY B 48 15.24 -15.07 -13.60
N VAL B 49 14.69 -14.02 -12.98
CA VAL B 49 14.28 -14.04 -11.57
C VAL B 49 13.23 -15.13 -11.33
N GLN B 50 12.22 -15.22 -12.22
CA GLN B 50 11.18 -16.23 -12.09
C GLN B 50 11.74 -17.65 -12.23
N ARG B 51 12.77 -17.81 -13.09
CA ARG B 51 13.39 -19.10 -13.32
C ARG B 51 14.23 -19.48 -12.10
N ASN B 52 15.11 -18.55 -11.66
CA ASN B 52 16.05 -18.79 -10.59
C ASN B 52 15.42 -18.92 -9.21
N HIS B 53 14.22 -18.34 -9.02
CA HIS B 53 13.50 -18.38 -7.75
C HIS B 53 12.18 -19.15 -7.86
N GLU B 54 12.09 -20.11 -8.82
CA GLU B 54 10.85 -20.84 -9.08
C GLU B 54 10.30 -21.61 -7.85
N THR B 55 11.15 -22.27 -7.05
CA THR B 55 10.64 -23.00 -5.88
C THR B 55 10.06 -22.05 -4.83
N ALA B 56 10.78 -20.93 -4.55
CA ALA B 56 10.29 -19.94 -3.59
C ALA B 56 9.01 -19.29 -4.11
N PHE B 57 8.96 -18.94 -5.42
CA PHE B 57 7.79 -18.32 -6.02
C PHE B 57 6.59 -19.28 -6.00
N GLN B 58 6.79 -20.56 -6.34
CA GLN B 58 5.71 -21.56 -6.27
C GLN B 58 5.17 -21.73 -4.82
N GLY B 59 6.10 -21.76 -3.86
CA GLY B 59 5.76 -21.90 -2.44
C GLY B 59 4.90 -20.75 -1.93
N MET B 60 5.33 -19.52 -2.25
CA MET B 60 4.62 -18.32 -1.83
C MET B 60 3.29 -18.18 -2.53
N LEU B 61 3.24 -18.47 -3.85
CA LEU B 61 1.98 -18.43 -4.60
C LEU B 61 0.95 -19.38 -3.95
N ARG B 62 1.38 -20.61 -3.62
CA ARG B 62 0.51 -21.60 -2.98
C ARG B 62 -0.01 -21.10 -1.61
N LYS B 63 0.88 -20.50 -0.79
CA LYS B 63 0.53 -19.96 0.53
C LYS B 63 -0.47 -18.82 0.42
N LEU B 64 -0.34 -18.00 -0.65
CA LEU B 64 -1.25 -16.87 -0.88
C LEU B 64 -2.65 -17.32 -1.31
N ASP B 65 -2.77 -18.54 -1.89
CA ASP B 65 -4.04 -19.16 -2.32
C ASP B 65 -4.96 -18.15 -3.02
N ILE B 66 -4.54 -17.74 -4.21
CA ILE B 66 -5.23 -16.75 -5.00
C ILE B 66 -6.23 -17.44 -5.96
N LYS B 67 -7.53 -17.25 -5.70
CA LYS B 67 -8.61 -17.89 -6.48
C LYS B 67 -9.52 -16.90 -7.22
N ASN B 68 -9.64 -15.67 -6.70
CA ASN B 68 -10.56 -14.67 -7.26
C ASN B 68 -10.07 -13.23 -7.06
N GLU B 69 -10.85 -12.25 -7.54
CA GLU B 69 -10.57 -10.83 -7.41
C GLU B 69 -10.44 -10.39 -5.93
N ASP B 70 -11.23 -10.97 -4.99
CA ASP B 70 -11.11 -10.62 -3.56
C ASP B 70 -9.76 -11.04 -3.02
N ASP B 71 -9.27 -12.23 -3.45
CA ASP B 71 -7.94 -12.69 -3.05
C ASP B 71 -6.90 -11.76 -3.65
N VAL B 72 -7.10 -11.33 -4.91
CA VAL B 72 -6.17 -10.41 -5.57
C VAL B 72 -6.13 -9.09 -4.79
N LYS B 73 -7.31 -8.53 -4.42
CA LYS B 73 -7.38 -7.32 -3.59
C LYS B 73 -6.57 -7.49 -2.31
N SER B 74 -6.70 -8.65 -1.61
CA SER B 74 -5.98 -8.94 -0.37
CA SER B 74 -5.98 -8.92 -0.37
C SER B 74 -4.46 -8.92 -0.51
N LEU B 75 -3.92 -9.11 -1.72
CA LEU B 75 -2.47 -9.12 -1.94
C LEU B 75 -1.76 -7.80 -1.56
N SER B 76 -2.47 -6.64 -1.67
CA SER B 76 -1.82 -5.35 -1.40
C SER B 76 -1.30 -5.19 0.02
N ARG B 77 -2.02 -5.71 1.03
CA ARG B 77 -1.58 -5.58 2.40
C ARG B 77 -0.22 -6.21 2.61
N VAL B 78 -0.06 -7.49 2.21
CA VAL B 78 1.22 -8.18 2.40
C VAL B 78 2.27 -7.62 1.43
N MET B 79 1.85 -7.20 0.22
CA MET B 79 2.74 -6.61 -0.77
C MET B 79 3.42 -5.36 -0.19
N ILE B 80 2.64 -4.40 0.39
CA ILE B 80 3.30 -3.21 0.96
CA ILE B 80 3.25 -3.21 0.97
C ILE B 80 4.12 -3.57 2.18
N HIS B 81 3.64 -4.48 3.01
CA HIS B 81 4.39 -4.86 4.21
C HIS B 81 5.74 -5.50 3.94
N VAL B 82 5.79 -6.48 3.03
CA VAL B 82 7.04 -7.15 2.70
C VAL B 82 7.97 -6.22 1.92
N PHE B 83 7.43 -5.52 0.91
CA PHE B 83 8.26 -4.63 0.07
C PHE B 83 8.89 -3.47 0.84
N SER B 84 8.20 -3.00 1.91
CA SER B 84 8.66 -1.91 2.80
C SER B 84 9.61 -2.38 3.90
N ASP B 85 9.71 -3.70 4.10
CA ASP B 85 10.57 -4.24 5.14
C ASP B 85 12.00 -4.36 4.60
N GLY B 86 12.88 -3.51 5.09
CA GLY B 86 14.28 -3.55 4.71
C GLY B 86 14.71 -2.61 3.60
N VAL B 87 15.86 -2.91 3.01
CA VAL B 87 16.55 -2.13 1.99
C VAL B 87 15.74 -1.93 0.70
N THR B 88 16.04 -0.84 -0.01
CA THR B 88 15.47 -0.53 -1.31
C THR B 88 16.58 -0.75 -2.33
N ASN B 89 16.30 -1.49 -3.41
CA ASN B 89 17.27 -1.66 -4.51
C ASN B 89 16.58 -2.17 -5.78
N TRP B 90 17.25 -2.08 -6.94
CA TRP B 90 16.65 -2.56 -8.19
C TRP B 90 16.35 -4.06 -8.17
N GLY B 91 17.18 -4.86 -7.50
CA GLY B 91 16.93 -6.29 -7.37
C GLY B 91 15.59 -6.60 -6.74
N ARG B 92 15.24 -5.90 -5.64
CA ARG B 92 13.94 -6.08 -4.97
C ARG B 92 12.76 -5.60 -5.84
N ILE B 93 12.98 -4.53 -6.61
CA ILE B 93 11.98 -3.99 -7.54
C ILE B 93 11.71 -5.01 -8.63
N VAL B 94 12.77 -5.69 -9.13
CA VAL B 94 12.57 -6.73 -10.14
C VAL B 94 11.83 -7.90 -9.52
N THR B 95 12.17 -8.29 -8.28
CA THR B 95 11.49 -9.40 -7.60
C THR B 95 10.00 -9.08 -7.48
N LEU B 96 9.65 -7.84 -7.07
CA LEU B 96 8.26 -7.41 -6.94
C LEU B 96 7.48 -7.57 -8.27
N ILE B 97 8.04 -7.07 -9.38
CA ILE B 97 7.41 -7.15 -10.69
C ILE B 97 7.40 -8.59 -11.22
N SER B 98 8.50 -9.35 -11.03
CA SER B 98 8.60 -10.73 -11.48
C SER B 98 7.62 -11.63 -10.79
N PHE B 99 7.42 -11.42 -9.47
CA PHE B 99 6.40 -12.21 -8.76
C PHE B 99 5.03 -11.84 -9.28
N GLY B 100 4.84 -10.58 -9.67
CA GLY B 100 3.59 -10.13 -10.28
C GLY B 100 3.32 -10.91 -11.56
N ALA B 101 4.35 -11.07 -12.42
CA ALA B 101 4.24 -11.85 -13.66
C ALA B 101 3.95 -13.31 -13.34
N PHE B 102 4.58 -13.86 -12.27
CA PHE B 102 4.37 -15.27 -11.86
C PHE B 102 2.90 -15.46 -11.41
N VAL B 103 2.33 -14.46 -10.69
CA VAL B 103 0.93 -14.46 -10.24
C VAL B 103 0.00 -14.31 -11.46
N ALA B 104 0.37 -13.42 -12.39
CA ALA B 104 -0.43 -13.19 -13.60
C ALA B 104 -0.57 -14.51 -14.40
N LYS B 105 0.53 -15.29 -14.53
CA LYS B 105 0.47 -16.61 -15.21
C LYS B 105 -0.53 -17.51 -14.46
N HIS B 106 -0.48 -17.52 -13.13
CA HIS B 106 -1.42 -18.30 -12.32
C HIS B 106 -2.87 -17.87 -12.60
N LEU B 107 -3.12 -16.55 -12.62
CA LEU B 107 -4.45 -15.99 -12.87
C LEU B 107 -5.00 -16.47 -14.21
N LYS B 108 -4.13 -16.58 -15.23
CA LYS B 108 -4.52 -17.07 -16.57
C LYS B 108 -4.94 -18.54 -16.50
N THR B 109 -4.25 -19.36 -15.69
CA THR B 109 -4.63 -20.79 -15.58
C THR B 109 -6.02 -20.99 -14.98
N ILE B 110 -6.44 -20.12 -14.06
CA ILE B 110 -7.74 -20.20 -13.38
C ILE B 110 -8.79 -19.25 -14.01
N ASN B 111 -8.54 -18.80 -15.26
CA ASN B 111 -9.42 -17.93 -16.05
C ASN B 111 -9.78 -16.60 -15.35
N GLN B 112 -8.80 -16.05 -14.68
CA GLN B 112 -8.96 -14.79 -13.96
C GLN B 112 -8.13 -13.72 -14.64
N GLU B 113 -8.16 -13.64 -15.99
CA GLU B 113 -7.41 -12.60 -16.69
C GLU B 113 -7.97 -11.21 -16.40
N SER B 114 -9.23 -11.12 -15.90
CA SER B 114 -9.83 -9.86 -15.47
C SER B 114 -9.07 -9.25 -14.27
N CYS B 115 -8.29 -10.08 -13.53
CA CYS B 115 -7.52 -9.68 -12.35
C CYS B 115 -6.12 -9.19 -12.71
N ILE B 116 -5.67 -9.41 -13.96
CA ILE B 116 -4.29 -9.06 -14.33
C ILE B 116 -4.07 -7.54 -14.33
N GLU B 117 -4.93 -6.75 -15.04
CA GLU B 117 -4.78 -5.28 -15.07
C GLU B 117 -4.94 -4.70 -13.63
N PRO B 118 -5.93 -5.15 -12.80
CA PRO B 118 -5.98 -4.67 -11.41
C PRO B 118 -4.70 -5.02 -10.63
N LEU B 119 -4.09 -6.19 -10.87
CA LEU B 119 -2.85 -6.57 -10.16
C LEU B 119 -1.71 -5.65 -10.55
N ALA B 120 -1.63 -5.32 -11.83
CA ALA B 120 -0.58 -4.40 -12.30
C ALA B 120 -0.72 -3.04 -11.62
N GLU B 121 -1.98 -2.56 -11.43
CA GLU B 121 -2.24 -1.29 -10.76
C GLU B 121 -1.81 -1.42 -9.28
N SER B 122 -2.15 -2.55 -8.63
CA SER B 122 -1.75 -2.79 -7.23
C SER B 122 -0.25 -2.65 -7.09
N ILE B 123 0.52 -3.32 -7.96
CA ILE B 123 1.98 -3.31 -7.92
C ILE B 123 2.51 -1.92 -8.17
N THR B 124 1.98 -1.25 -9.22
CA THR B 124 2.44 0.10 -9.56
C THR B 124 2.18 1.06 -8.38
N ASP B 125 1.01 0.95 -7.73
CA ASP B 125 0.72 1.80 -6.57
C ASP B 125 1.76 1.59 -5.48
N VAL B 126 2.09 0.33 -5.16
CA VAL B 126 3.06 0.05 -4.09
C VAL B 126 4.43 0.57 -4.47
N LEU B 127 4.87 0.26 -5.71
CA LEU B 127 6.18 0.69 -6.15
C LEU B 127 6.33 2.20 -6.21
N VAL B 128 5.48 2.87 -6.99
CA VAL B 128 5.64 4.31 -7.20
C VAL B 128 5.32 5.11 -5.95
N ARG B 129 4.25 4.77 -5.24
CA ARG B 129 3.87 5.57 -4.09
C ARG B 129 4.81 5.42 -2.89
N THR B 130 5.46 4.25 -2.73
CA THR B 130 6.38 4.08 -1.60
C THR B 130 7.83 4.39 -1.95
N LYS B 131 8.20 4.32 -3.25
CA LYS B 131 9.59 4.54 -3.67
C LYS B 131 9.83 5.72 -4.61
N ARG B 132 8.84 6.63 -4.79
CA ARG B 132 8.97 7.77 -5.70
C ARG B 132 10.31 8.53 -5.54
N ASP B 133 10.66 8.90 -4.30
CA ASP B 133 11.88 9.68 -4.04
C ASP B 133 13.13 8.91 -4.44
N TRP B 134 13.18 7.60 -4.10
CA TRP B 134 14.31 6.73 -4.45
C TRP B 134 14.40 6.59 -5.97
N LEU B 135 13.27 6.30 -6.63
CA LEU B 135 13.19 6.16 -8.09
C LEU B 135 13.73 7.40 -8.77
N VAL B 136 13.30 8.60 -8.32
CA VAL B 136 13.78 9.87 -8.88
C VAL B 136 15.32 9.99 -8.75
N LYS B 137 15.86 9.68 -7.56
CA LYS B 137 17.31 9.76 -7.28
C LYS B 137 18.12 8.75 -8.10
N GLN B 138 17.50 7.60 -8.39
CA GLN B 138 18.14 6.50 -9.11
C GLN B 138 17.94 6.55 -10.62
N ARG B 139 17.44 7.70 -11.14
CA ARG B 139 17.23 8.03 -12.55
C ARG B 139 16.06 7.27 -13.20
N GLY B 140 15.08 6.87 -12.39
CA GLY B 140 13.89 6.16 -12.84
C GLY B 140 14.19 4.97 -13.73
N TRP B 141 13.34 4.78 -14.77
CA TRP B 141 13.48 3.66 -15.69
C TRP B 141 14.76 3.71 -16.52
N ASP B 142 15.37 4.89 -16.74
CA ASP B 142 16.68 4.96 -17.41
C ASP B 142 17.72 4.35 -16.46
N GLY B 143 17.60 4.65 -15.17
CA GLY B 143 18.44 4.11 -14.12
C GLY B 143 18.34 2.59 -14.08
N PHE B 144 17.09 2.06 -14.14
CA PHE B 144 16.82 0.61 -14.20
C PHE B 144 17.59 -0.05 -15.34
N VAL B 145 17.50 0.54 -16.55
CA VAL B 145 18.19 0.03 -17.74
C VAL B 145 19.69 0.00 -17.52
N GLU B 146 20.24 1.11 -16.99
CA GLU B 146 21.68 1.27 -16.77
C GLU B 146 22.23 0.31 -15.72
N PHE B 147 21.43 0.03 -14.68
CA PHE B 147 21.84 -0.85 -13.58
C PHE B 147 22.04 -2.27 -14.05
N PHE B 148 21.14 -2.79 -14.89
CA PHE B 148 21.24 -4.16 -15.41
C PHE B 148 22.11 -4.27 -16.65
N HIS B 149 22.21 -3.17 -17.43
CA HIS B 149 23.06 -3.04 -18.63
C HIS B 149 23.11 -4.34 -19.46
N VAL B 150 21.92 -4.87 -19.81
CA VAL B 150 21.81 -6.13 -20.56
C VAL B 150 22.40 -6.01 -21.98
#